data_1D1U
#
_entry.id   1D1U
#
_cell.length_a   54.738
_cell.length_b   145.491
_cell.length_c   46.737
_cell.angle_alpha   90.00
_cell.angle_beta   90.00
_cell.angle_gamma   90.00
#
_symmetry.space_group_name_H-M   'P 21 21 2'
#
loop_
_entity.id
_entity.type
_entity.pdbx_description
1 polymer "DNA (5'-D(*CP*TP*CP*GP*TP*G)-3')"
2 polymer "DNA (5'-D(*AP*CP*GP*GP*CP*AP*CP*GP*AP*G)-3')"
3 polymer 'PROTEIN (REVERSE TRANSCRIPTASE)'
4 water water
#
loop_
_entity_poly.entity_id
_entity_poly.type
_entity_poly.pdbx_seq_one_letter_code
_entity_poly.pdbx_strand_id
1 'polydeoxyribonucleotide' (DC)(DT)(DC)(DG)(DT)(DG) B
2 'polydeoxyribonucleotide' (DA)(DC)(DG)(DG)(DC)(DA)(DC)(DG)(DA)(DG) C
3 'polypeptide(L)'
;TWLSDFPQAWAETGGMGLAVRQAPLIIPLKATSTPVSIKQYPMSQEARLGIKPHIQRLLDQGILVPCQSPWNTPLLPVKK
PGTNDYRPVQDLREVNKRVEDIHPTVPNPYNLLSGLPPSHQWYTVLDLKDAFFCLRLHPTSQPLFAFEWRDPEMGISGQL
TWTRLPQGFKNSPTLFDEALHRDLADFRIQHPDLILLQYVDDLLLAATSELDCQQGTRALLQTLGNLGYRASAKKAQICQ
KQVKYLGYLLKEGQR
;
A
#
loop_
_chem_comp.id
_chem_comp.type
_chem_comp.name
_chem_comp.formula
DA DNA linking 2'-DEOXYADENOSINE-5'-MONOPHOSPHATE 'C10 H14 N5 O6 P'
DC DNA linking 2'-DEOXYCYTIDINE-5'-MONOPHOSPHATE 'C9 H14 N3 O7 P'
DG DNA linking 2'-DEOXYGUANOSINE-5'-MONOPHOSPHATE 'C10 H14 N5 O7 P'
DT DNA linking THYMIDINE-5'-MONOPHOSPHATE 'C10 H15 N2 O8 P'
#
# COMPACT_ATOMS: atom_id res chain seq x y z
N THR C 1 -8.13 23.64 -8.05
CA THR C 1 -8.38 23.42 -6.60
C THR C 1 -8.84 21.99 -6.34
N TRP C 2 -8.34 21.05 -7.13
CA TRP C 2 -8.73 19.65 -6.98
C TRP C 2 -8.50 19.13 -5.57
N LEU C 3 -7.52 19.70 -4.87
CA LEU C 3 -7.22 19.27 -3.51
C LEU C 3 -8.35 19.67 -2.56
N SER C 4 -8.80 20.92 -2.66
CA SER C 4 -9.86 21.42 -1.80
C SER C 4 -11.22 20.76 -1.99
N ASP C 5 -11.53 20.36 -3.22
CA ASP C 5 -12.80 19.72 -3.54
C ASP C 5 -12.92 18.29 -3.02
N PHE C 6 -11.79 17.65 -2.77
CA PHE C 6 -11.79 16.26 -2.30
C PHE C 6 -10.75 16.08 -1.20
N PRO C 7 -11.01 16.65 -0.01
CA PRO C 7 -10.12 16.57 1.15
C PRO C 7 -9.91 15.16 1.65
N GLN C 8 -10.99 14.39 1.68
CA GLN C 8 -10.97 13.03 2.16
C GLN C 8 -10.23 12.06 1.23
N ALA C 9 -10.08 12.46 -0.03
CA ALA C 9 -9.41 11.63 -1.02
C ALA C 9 -7.90 11.76 -1.05
N TRP C 10 -7.35 12.86 -0.55
CA TRP C 10 -5.91 13.06 -0.57
C TRP C 10 -5.25 12.65 0.74
N ALA C 11 -4.08 12.03 0.65
CA ALA C 11 -3.37 11.61 1.84
C ALA C 11 -2.96 12.84 2.65
N GLU C 12 -2.78 13.95 1.97
CA GLU C 12 -2.38 15.19 2.61
C GLU C 12 -3.45 15.77 3.54
N THR C 13 -4.72 15.48 3.26
CA THR C 13 -5.80 16.00 4.08
C THR C 13 -6.76 15.00 4.71
N GLY C 14 -6.82 13.79 4.16
CA GLY C 14 -7.75 12.79 4.70
C GLY C 14 -7.22 11.88 5.79
N GLY C 15 -5.96 12.02 6.16
CA GLY C 15 -5.40 11.16 7.19
C GLY C 15 -5.15 9.75 6.66
N MET C 16 -4.50 8.93 7.48
CA MET C 16 -4.20 7.54 7.10
C MET C 16 -5.48 6.84 6.64
N GLY C 17 -5.39 6.13 5.53
CA GLY C 17 -6.54 5.43 5.02
C GLY C 17 -6.87 4.17 5.81
N LEU C 18 -7.94 3.50 5.38
CA LEU C 18 -8.42 2.26 5.97
C LEU C 18 -9.58 1.85 5.06
N ALA C 19 -9.43 0.68 4.44
CA ALA C 19 -10.45 0.16 3.52
C ALA C 19 -11.59 -0.45 4.32
N VAL C 20 -12.55 0.39 4.66
CA VAL C 20 -13.68 0.00 5.48
C VAL C 20 -14.58 -1.12 4.96
N ARG C 21 -14.62 -1.33 3.64
CA ARG C 21 -15.49 -2.38 3.09
C ARG C 21 -14.76 -3.72 3.03
N GLN C 22 -13.47 -3.71 3.33
CA GLN C 22 -12.70 -4.95 3.26
C GLN C 22 -12.53 -5.64 4.60
N ALA C 23 -12.98 -6.88 4.67
CA ALA C 23 -12.89 -7.68 5.87
C ALA C 23 -11.41 -7.88 6.25
N PRO C 24 -11.11 -7.89 7.56
CA PRO C 24 -9.73 -8.09 8.01
C PRO C 24 -9.16 -9.34 7.32
N LEU C 25 -7.91 -9.26 6.86
CA LEU C 25 -7.29 -10.37 6.14
C LEU C 25 -6.74 -11.52 6.97
N ILE C 26 -7.10 -12.73 6.58
CA ILE C 26 -6.63 -13.94 7.23
C ILE C 26 -5.57 -14.55 6.32
N ILE C 27 -4.40 -14.82 6.87
CA ILE C 27 -3.30 -15.36 6.08
C ILE C 27 -3.07 -16.85 6.34
N PRO C 28 -3.46 -17.70 5.39
CA PRO C 28 -3.30 -19.16 5.52
C PRO C 28 -1.85 -19.62 5.49
N LEU C 29 -1.51 -20.53 6.40
CA LEU C 29 -0.16 -21.07 6.46
C LEU C 29 -0.11 -22.36 5.66
N LYS C 30 1.09 -22.76 5.23
CA LYS C 30 1.22 -24.02 4.51
C LYS C 30 0.84 -25.10 5.53
N ALA C 31 0.53 -26.29 5.05
CA ALA C 31 0.11 -27.40 5.92
C ALA C 31 1.11 -27.83 6.98
N THR C 32 2.40 -27.68 6.70
CA THR C 32 3.44 -28.09 7.65
C THR C 32 4.11 -26.98 8.46
N SER C 33 3.69 -25.73 8.26
CA SER C 33 4.30 -24.61 8.95
C SER C 33 4.13 -24.55 10.46
N THR C 34 5.22 -24.17 11.11
CA THR C 34 5.23 -24.01 12.56
C THR C 34 5.94 -22.67 12.76
N PRO C 35 5.63 -21.96 13.85
CA PRO C 35 6.26 -20.66 14.12
C PRO C 35 7.80 -20.66 14.17
N VAL C 36 8.40 -19.59 13.69
CA VAL C 36 9.85 -19.43 13.77
C VAL C 36 10.12 -18.09 14.39
N SER C 37 11.03 -18.07 15.36
CA SER C 37 11.40 -16.85 16.08
C SER C 37 12.88 -16.58 15.85
N ILE C 38 13.17 -15.69 14.91
CA ILE C 38 14.54 -15.34 14.58
C ILE C 38 15.02 -14.19 15.48
N LYS C 39 16.23 -14.33 15.99
CA LYS C 39 16.82 -13.32 16.86
C LYS C 39 17.06 -12.02 16.14
N GLN C 40 16.94 -10.92 16.88
CA GLN C 40 17.16 -9.60 16.32
C GLN C 40 18.63 -9.24 16.47
N TYR C 41 19.30 -8.97 15.38
N TYR C 41 19.29 -8.97 15.34
CA TYR C 41 20.69 -8.55 15.46
CA TYR C 41 20.66 -8.50 15.46
C TYR C 41 20.66 -7.15 16.10
C TYR C 41 20.74 -7.18 16.21
N PRO C 42 21.48 -7.07 17.28
CA PRO C 42 21.49 -5.80 18.00
C PRO C 42 21.68 -4.62 17.05
N MET C 43 20.83 -3.62 17.23
CA MET C 43 20.83 -2.43 16.39
C MET C 43 21.56 -1.28 17.06
N SER C 44 22.40 -0.58 16.31
CA SER C 44 23.14 0.56 16.82
C SER C 44 22.17 1.65 17.25
N GLN C 45 22.60 2.48 18.19
CA GLN C 45 21.75 3.57 18.65
C GLN C 45 21.35 4.49 17.50
N GLU C 46 22.27 4.70 16.56
CA GLU C 46 21.99 5.55 15.42
C GLU C 46 20.79 5.05 14.62
N ALA C 47 20.86 3.80 14.19
CA ALA C 47 19.78 3.20 13.42
C ALA C 47 18.50 3.21 14.24
N ARG C 48 18.64 2.93 15.53
CA ARG C 48 17.52 2.88 16.45
C ARG C 48 16.85 4.26 16.62
N LEU C 49 17.65 5.32 16.57
CA LEU C 49 17.12 6.66 16.72
C LEU C 49 16.45 7.14 15.43
N GLY C 50 16.98 6.71 14.30
CA GLY C 50 16.39 7.11 13.03
C GLY C 50 15.02 6.46 12.88
N ILE C 51 14.94 5.20 13.30
CA ILE C 51 13.72 4.40 13.24
C ILE C 51 12.66 4.72 14.30
N LYS C 52 13.08 5.14 15.49
CA LYS C 52 12.16 5.43 16.57
C LYS C 52 10.91 6.24 16.20
N PRO C 53 11.08 7.43 15.61
CA PRO C 53 9.93 8.26 15.23
C PRO C 53 8.93 7.53 14.34
N HIS C 54 9.42 6.71 13.43
CA HIS C 54 8.53 5.99 12.54
C HIS C 54 7.73 4.96 13.33
N ILE C 55 8.39 4.26 14.25
CA ILE C 55 7.70 3.26 15.05
C ILE C 55 6.68 3.91 15.98
N GLN C 56 6.99 5.12 16.45
CA GLN C 56 6.08 5.81 17.34
C GLN C 56 4.84 6.25 16.57
N ARG C 57 5.05 6.84 15.40
CA ARG C 57 3.94 7.29 14.56
C ARG C 57 3.01 6.12 14.22
N LEU C 58 3.59 5.00 13.80
CA LEU C 58 2.81 3.82 13.46
C LEU C 58 1.99 3.34 14.67
N LEU C 59 2.59 3.43 15.86
CA LEU C 59 1.91 3.00 17.08
C LEU C 59 0.72 3.92 17.40
N ASP C 60 0.91 5.22 17.19
CA ASP C 60 -0.14 6.19 17.45
C ASP C 60 -1.30 6.01 16.49
N GLN C 61 -0.97 5.62 15.26
CA GLN C 61 -1.99 5.40 14.23
C GLN C 61 -2.63 4.03 14.41
N GLY C 62 -2.12 3.26 15.37
CA GLY C 62 -2.67 1.93 15.62
C GLY C 62 -2.27 0.90 14.57
N ILE C 63 -1.37 1.30 13.67
CA ILE C 63 -0.91 0.40 12.63
C ILE C 63 -0.01 -0.66 13.26
N LEU C 64 0.61 -0.31 14.39
CA LEU C 64 1.44 -1.25 15.14
C LEU C 64 0.91 -1.37 16.55
N VAL C 65 0.91 -2.58 17.11
CA VAL C 65 0.43 -2.81 18.47
C VAL C 65 1.37 -3.76 19.19
N PRO C 66 1.45 -3.65 20.53
CA PRO C 66 2.32 -4.53 21.31
C PRO C 66 1.72 -5.93 21.20
N CYS C 67 2.53 -6.95 21.46
CA CYS C 67 2.03 -8.30 21.39
C CYS C 67 3.11 -9.22 21.89
N GLN C 68 2.73 -10.48 22.05
CA GLN C 68 3.65 -11.52 22.48
C GLN C 68 3.30 -12.59 21.45
N SER C 69 4.29 -13.04 20.70
CA SER C 69 4.06 -14.03 19.67
C SER C 69 5.23 -14.98 19.51
N PRO C 70 4.93 -16.24 19.13
CA PRO C 70 5.95 -17.28 18.93
C PRO C 70 6.67 -17.02 17.60
N TRP C 71 6.17 -16.05 16.83
CA TRP C 71 6.81 -15.68 15.57
C TRP C 71 7.63 -14.42 15.84
N ASN C 72 8.72 -14.26 15.09
CA ASN C 72 9.57 -13.09 15.21
C ASN C 72 10.57 -13.01 14.07
N THR C 73 10.62 -11.86 13.41
CA THR C 73 11.56 -11.67 12.31
C THR C 73 12.39 -10.43 12.57
N PRO C 74 13.56 -10.34 11.92
CA PRO C 74 14.50 -9.22 12.05
C PRO C 74 14.04 -7.88 11.50
N LEU C 75 14.34 -6.83 12.24
CA LEU C 75 14.03 -5.49 11.80
C LEU C 75 15.38 -4.99 11.29
N LEU C 76 15.37 -4.27 10.17
CA LEU C 76 16.61 -3.75 9.60
C LEU C 76 16.54 -2.25 9.36
N PRO C 77 17.67 -1.56 9.56
CA PRO C 77 17.71 -0.11 9.35
C PRO C 77 18.24 0.20 7.94
N VAL C 78 17.34 0.28 6.97
CA VAL C 78 17.76 0.60 5.61
C VAL C 78 17.73 2.11 5.49
N LYS C 79 18.62 2.67 4.69
CA LYS C 79 18.68 4.12 4.55
C LYS C 79 19.31 4.63 3.26
N LYS C 80 19.47 5.94 3.20
CA LYS C 80 20.08 6.62 2.06
C LYS C 80 21.58 6.73 2.36
N PRO C 81 22.40 7.04 1.35
CA PRO C 81 23.84 7.17 1.56
C PRO C 81 24.21 8.12 2.72
N GLY C 82 24.40 7.56 3.91
CA GLY C 82 24.75 8.37 5.06
C GLY C 82 24.28 7.82 6.40
N THR C 83 23.85 8.73 7.27
CA THR C 83 23.37 8.37 8.61
C THR C 83 22.03 9.04 8.89
N ASN C 84 21.53 9.81 7.92
CA ASN C 84 20.27 10.52 8.06
C ASN C 84 19.07 9.73 7.54
N ASP C 85 17.90 10.11 8.04
CA ASP C 85 16.62 9.50 7.68
C ASP C 85 16.66 8.00 7.39
N TYR C 86 16.18 7.23 8.36
CA TYR C 86 16.12 5.78 8.24
C TYR C 86 14.69 5.37 7.91
N ARG C 87 14.37 4.11 8.19
CA ARG C 87 13.05 3.57 7.94
C ARG C 87 13.10 2.08 8.31
N PRO C 88 12.06 1.58 9.00
CA PRO C 88 12.02 0.18 9.40
C PRO C 88 11.75 -0.78 8.26
N VAL C 89 12.73 -1.61 7.93
CA VAL C 89 12.58 -2.60 6.88
C VAL C 89 12.67 -3.99 7.51
N GLN C 90 11.57 -4.74 7.48
CA GLN C 90 11.51 -6.06 8.08
C GLN C 90 11.87 -7.19 7.11
N ASP C 91 12.63 -8.16 7.59
CA ASP C 91 13.00 -9.30 6.75
C ASP C 91 12.01 -10.42 7.01
N LEU C 92 10.96 -10.47 6.20
CA LEU C 92 9.91 -11.47 6.32
C LEU C 92 10.13 -12.72 5.49
N ARG C 93 11.37 -12.98 5.10
CA ARG C 93 11.62 -14.15 4.27
C ARG C 93 11.30 -15.49 4.92
N GLU C 94 11.60 -15.66 6.21
CA GLU C 94 11.29 -16.92 6.88
C GLU C 94 9.79 -17.06 7.11
N VAL C 95 9.08 -15.94 7.09
CA VAL C 95 7.63 -15.96 7.24
C VAL C 95 7.02 -16.28 5.87
N ASN C 96 7.47 -15.59 4.84
CA ASN C 96 6.96 -15.81 3.48
C ASN C 96 7.07 -17.29 3.07
N LYS C 97 8.19 -17.91 3.43
CA LYS C 97 8.40 -19.31 3.10
C LYS C 97 7.36 -20.22 3.77
N ARG C 98 6.75 -19.73 4.85
CA ARG C 98 5.77 -20.55 5.56
C ARG C 98 4.29 -20.30 5.26
N VAL C 99 3.96 -19.26 4.49
CA VAL C 99 2.56 -19.05 4.19
C VAL C 99 2.21 -19.64 2.83
N GLU C 100 1.00 -20.17 2.71
CA GLU C 100 0.54 -20.81 1.48
C GLU C 100 0.55 -19.81 0.32
N ASP C 101 1.04 -20.27 -0.84
CA ASP C 101 1.10 -19.46 -2.04
C ASP C 101 -0.28 -19.22 -2.63
N ILE C 102 -0.44 -18.09 -3.33
CA ILE C 102 -1.69 -17.77 -3.99
C ILE C 102 -1.34 -17.46 -5.43
N HIS C 103 -2.32 -17.59 -6.32
CA HIS C 103 -2.09 -17.31 -7.72
C HIS C 103 -1.78 -15.82 -7.89
N PRO C 104 -0.65 -15.48 -8.54
CA PRO C 104 -0.32 -14.06 -8.74
C PRO C 104 -1.26 -13.49 -9.80
N THR C 105 -2.17 -12.61 -9.40
CA THR C 105 -3.13 -12.06 -10.34
C THR C 105 -2.84 -10.65 -10.86
N VAL C 106 -1.85 -9.99 -10.27
CA VAL C 106 -1.48 -8.66 -10.73
C VAL C 106 -0.78 -8.85 -12.08
N PRO C 107 -1.34 -8.27 -13.15
CA PRO C 107 -0.77 -8.38 -14.51
C PRO C 107 0.49 -7.55 -14.69
N ASN C 108 1.37 -7.98 -15.59
CA ASN C 108 2.58 -7.20 -15.81
C ASN C 108 2.23 -5.92 -16.54
N PRO C 109 2.97 -4.84 -16.25
CA PRO C 109 2.75 -3.53 -16.87
C PRO C 109 2.51 -3.60 -18.39
N TYR C 110 3.31 -4.38 -19.09
CA TYR C 110 3.16 -4.48 -20.54
C TYR C 110 1.75 -4.91 -20.93
N ASN C 111 1.31 -6.06 -20.43
CA ASN C 111 -0.01 -6.54 -20.76
C ASN C 111 -1.12 -5.62 -20.25
N LEU C 112 -0.87 -4.91 -19.15
CA LEU C 112 -1.88 -4.00 -18.61
C LEU C 112 -2.10 -2.80 -19.53
N LEU C 113 -1.03 -2.22 -20.03
CA LEU C 113 -1.14 -1.06 -20.92
C LEU C 113 -1.78 -1.39 -22.26
N SER C 114 -1.66 -2.64 -22.70
CA SER C 114 -2.23 -3.06 -23.98
C SER C 114 -3.73 -2.81 -24.02
N GLY C 115 -4.33 -2.62 -22.84
CA GLY C 115 -5.76 -2.37 -22.78
C GLY C 115 -6.13 -0.90 -22.82
N LEU C 116 -5.27 -0.08 -23.42
CA LEU C 116 -5.52 1.35 -23.50
C LEU C 116 -5.78 1.77 -24.95
N PRO C 117 -7.06 2.03 -25.30
CA PRO C 117 -7.48 2.44 -26.64
C PRO C 117 -6.97 3.82 -27.05
N PRO C 118 -6.74 4.03 -28.35
CA PRO C 118 -6.24 5.31 -28.86
C PRO C 118 -7.28 6.42 -28.73
N SER C 119 -8.54 6.00 -28.56
CA SER C 119 -9.65 6.93 -28.42
C SER C 119 -9.59 7.68 -27.08
N HIS C 120 -9.01 7.04 -26.08
CA HIS C 120 -8.89 7.66 -24.76
C HIS C 120 -7.50 8.24 -24.59
N GLN C 121 -7.35 9.54 -24.85
CA GLN C 121 -6.06 10.20 -24.75
C GLN C 121 -5.93 11.18 -23.59
N TRP C 122 -6.99 11.35 -22.81
CA TRP C 122 -6.92 12.25 -21.66
C TRP C 122 -6.72 11.39 -20.41
N TYR C 123 -5.54 11.52 -19.83
CA TYR C 123 -5.17 10.72 -18.68
C TYR C 123 -5.10 11.42 -17.32
N THR C 124 -5.31 10.62 -16.28
CA THR C 124 -5.22 11.04 -14.89
C THR C 124 -4.49 9.90 -14.20
N VAL C 125 -3.40 10.21 -13.53
CA VAL C 125 -2.65 9.18 -12.82
C VAL C 125 -2.66 9.45 -11.33
N LEU C 126 -3.02 8.42 -10.57
CA LEU C 126 -3.07 8.53 -9.12
C LEU C 126 -2.23 7.44 -8.47
N ASP C 127 -1.50 7.82 -7.44
CA ASP C 127 -0.66 6.91 -6.70
C ASP C 127 -1.25 6.80 -5.30
N LEU C 128 -1.73 5.63 -4.94
CA LEU C 128 -2.31 5.45 -3.62
C LEU C 128 -1.20 5.45 -2.58
N LYS C 129 -1.37 6.25 -1.55
CA LYS C 129 -0.38 6.39 -0.48
C LYS C 129 -0.61 5.36 0.61
N ASP C 130 0.46 4.67 1.01
CA ASP C 130 0.39 3.63 2.05
C ASP C 130 -0.74 2.64 1.77
N ALA C 131 -0.78 2.13 0.55
CA ALA C 131 -1.81 1.19 0.11
C ALA C 131 -1.99 0.00 1.04
N PHE C 132 -0.94 -0.81 1.20
CA PHE C 132 -1.03 -2.01 2.04
C PHE C 132 -1.59 -1.71 3.43
N PHE C 133 -1.14 -0.61 4.03
CA PHE C 133 -1.58 -0.21 5.36
C PHE C 133 -3.09 0.05 5.44
N CYS C 134 -3.73 0.21 4.30
CA CYS C 134 -5.19 0.44 4.26
C CYS C 134 -5.97 -0.86 4.48
N LEU C 135 -5.34 -2.00 4.26
CA LEU C 135 -6.02 -3.28 4.44
C LEU C 135 -5.75 -3.84 5.83
N ARG C 136 -6.82 -4.10 6.59
CA ARG C 136 -6.67 -4.63 7.93
C ARG C 136 -6.26 -6.09 7.92
N LEU C 137 -5.60 -6.49 9.00
CA LEU C 137 -5.18 -7.87 9.17
C LEU C 137 -6.06 -8.44 10.26
N HIS C 138 -6.58 -9.65 10.04
CA HIS C 138 -7.41 -10.28 11.05
C HIS C 138 -6.53 -10.56 12.28
N PRO C 139 -7.09 -10.36 13.49
CA PRO C 139 -6.35 -10.60 14.73
C PRO C 139 -5.65 -11.97 14.78
N THR C 140 -6.22 -12.97 14.12
CA THR C 140 -5.62 -14.31 14.13
C THR C 140 -4.34 -14.37 13.31
N SER C 141 -4.23 -13.49 12.31
CA SER C 141 -3.05 -13.46 11.44
C SER C 141 -2.00 -12.42 11.84
N GLN C 142 -2.35 -11.51 12.73
CA GLN C 142 -1.40 -10.49 13.18
C GLN C 142 -0.09 -10.99 13.82
N PRO C 143 -0.16 -11.95 14.76
CA PRO C 143 1.05 -12.47 15.41
C PRO C 143 2.18 -12.90 14.47
N LEU C 144 1.80 -13.38 13.31
CA LEU C 144 2.73 -13.85 12.29
C LEU C 144 3.87 -12.89 11.90
N PHE C 145 3.59 -11.59 11.89
CA PHE C 145 4.57 -10.59 11.46
C PHE C 145 5.25 -9.81 12.59
N ALA C 146 5.25 -10.40 13.78
CA ALA C 146 5.85 -9.74 14.94
C ALA C 146 7.36 -9.57 14.86
N PHE C 147 7.86 -8.51 15.49
CA PHE C 147 9.29 -8.24 15.53
C PHE C 147 9.62 -7.59 16.88
N GLU C 148 10.90 -7.59 17.23
CA GLU C 148 11.34 -7.03 18.50
C GLU C 148 11.64 -5.53 18.46
N TRP C 149 11.16 -4.82 19.47
CA TRP C 149 11.42 -3.39 19.57
C TRP C 149 11.83 -3.03 20.98
N ARG C 150 13.05 -2.52 21.11
CA ARG C 150 13.58 -2.12 22.42
C ARG C 150 14.00 -0.66 22.44
N ASP C 151 13.90 -0.05 23.62
CA ASP C 151 14.26 1.34 23.82
C ASP C 151 14.58 1.51 25.31
N PRO C 152 15.88 1.62 25.65
CA PRO C 152 16.35 1.78 27.03
C PRO C 152 15.37 2.40 28.02
N GLU C 153 14.87 3.60 27.73
CA GLU C 153 13.92 4.25 28.63
C GLU C 153 12.55 3.56 28.66
N MET C 154 11.49 4.33 28.90
CA MET C 154 10.14 3.77 29.00
C MET C 154 9.38 3.76 27.66
N GLY C 155 8.61 2.69 27.44
CA GLY C 155 7.85 2.57 26.23
C GLY C 155 7.26 1.19 26.02
N ILE C 156 8.00 0.33 25.34
CA ILE C 156 7.55 -1.03 25.07
C ILE C 156 8.54 -2.04 25.66
N SER C 157 8.04 -3.25 25.94
CA SER C 157 8.86 -4.30 26.53
C SER C 157 9.62 -5.17 25.53
N GLY C 158 8.94 -5.64 24.50
CA GLY C 158 9.61 -6.49 23.53
C GLY C 158 9.09 -6.51 22.11
N GLN C 159 8.05 -7.29 21.87
CA GLN C 159 7.49 -7.43 20.53
C GLN C 159 6.36 -6.51 20.13
N LEU C 160 6.35 -6.17 18.85
CA LEU C 160 5.31 -5.35 18.26
C LEU C 160 4.92 -6.08 16.98
N THR C 161 3.72 -5.81 16.48
CA THR C 161 3.31 -6.43 15.25
C THR C 161 2.31 -5.56 14.52
N TRP C 162 2.06 -5.90 13.27
CA TRP C 162 1.16 -5.15 12.41
C TRP C 162 -0.32 -5.53 12.51
N THR C 163 -1.19 -4.55 12.30
CA THR C 163 -2.64 -4.79 12.30
C THR C 163 -3.11 -4.59 10.86
N ARG C 164 -2.16 -4.25 9.99
CA ARG C 164 -2.44 -4.02 8.58
C ARG C 164 -1.47 -4.83 7.71
N LEU C 165 -1.85 -5.04 6.45
CA LEU C 165 -1.02 -5.76 5.50
C LEU C 165 0.34 -5.02 5.52
N PRO C 166 1.41 -5.73 5.94
CA PRO C 166 2.75 -5.13 6.01
C PRO C 166 3.59 -5.18 4.74
N GLN C 167 4.70 -4.44 4.76
CA GLN C 167 5.63 -4.40 3.64
C GLN C 167 6.50 -5.66 3.78
N GLY C 168 7.00 -6.17 2.66
CA GLY C 168 7.84 -7.35 2.72
C GLY C 168 7.10 -8.68 2.66
N PHE C 169 5.80 -8.65 2.91
CA PHE C 169 4.98 -9.86 2.84
C PHE C 169 4.76 -10.16 1.36
N LYS C 170 5.24 -11.31 0.92
CA LYS C 170 5.16 -11.72 -0.49
C LYS C 170 3.79 -11.60 -1.16
N ASN C 171 2.70 -11.73 -0.41
CA ASN C 171 1.37 -11.64 -0.99
C ASN C 171 0.68 -10.29 -0.87
N SER C 172 1.36 -9.29 -0.33
CA SER C 172 0.72 -7.98 -0.18
C SER C 172 0.27 -7.33 -1.50
N PRO C 173 1.14 -7.33 -2.53
CA PRO C 173 0.75 -6.71 -3.80
C PRO C 173 -0.52 -7.30 -4.38
N THR C 174 -0.55 -8.61 -4.49
CA THR C 174 -1.69 -9.32 -5.03
C THR C 174 -2.96 -9.11 -4.20
N LEU C 175 -2.86 -9.24 -2.87
CA LEU C 175 -4.03 -9.06 -2.01
C LEU C 175 -4.54 -7.63 -2.07
N PHE C 176 -3.65 -6.65 -2.23
CA PHE C 176 -4.13 -5.29 -2.32
C PHE C 176 -4.84 -5.07 -3.65
N ASP C 177 -4.23 -5.56 -4.72
CA ASP C 177 -4.78 -5.42 -6.06
C ASP C 177 -6.19 -5.99 -6.14
N GLU C 178 -6.37 -7.21 -5.65
CA GLU C 178 -7.67 -7.87 -5.68
C GLU C 178 -8.66 -7.12 -4.81
N ALA C 179 -8.19 -6.61 -3.68
CA ALA C 179 -9.06 -5.87 -2.78
C ALA C 179 -9.56 -4.59 -3.43
N LEU C 180 -8.65 -3.83 -4.06
CA LEU C 180 -9.07 -2.59 -4.70
C LEU C 180 -9.96 -2.89 -5.90
N HIS C 181 -9.69 -3.99 -6.61
CA HIS C 181 -10.53 -4.36 -7.76
C HIS C 181 -11.96 -4.62 -7.27
N ARG C 182 -12.11 -5.24 -6.10
CA ARG C 182 -13.44 -5.49 -5.57
C ARG C 182 -14.10 -4.17 -5.22
N ASP C 183 -13.35 -3.28 -4.59
CA ASP C 183 -13.90 -1.99 -4.20
C ASP C 183 -14.23 -1.06 -5.35
N LEU C 184 -13.62 -1.25 -6.51
CA LEU C 184 -13.90 -0.38 -7.66
C LEU C 184 -14.75 -1.02 -8.76
N ALA C 185 -15.20 -2.25 -8.55
CA ALA C 185 -16.03 -2.95 -9.53
C ALA C 185 -17.24 -2.08 -9.90
N ASP C 186 -17.91 -1.55 -8.88
CA ASP C 186 -19.07 -0.70 -9.09
C ASP C 186 -18.75 0.55 -9.90
N PHE C 187 -17.65 1.22 -9.54
CA PHE C 187 -17.25 2.43 -10.24
C PHE C 187 -17.06 2.15 -11.73
N ARG C 188 -16.52 0.99 -12.07
CA ARG C 188 -16.32 0.64 -13.48
C ARG C 188 -17.66 0.48 -14.19
N ILE C 189 -18.65 -0.04 -13.46
CA ILE C 189 -19.97 -0.25 -14.03
C ILE C 189 -20.70 1.06 -14.25
N GLN C 190 -20.56 2.00 -13.32
CA GLN C 190 -21.23 3.30 -13.44
C GLN C 190 -20.51 4.23 -14.40
N HIS C 191 -19.33 3.82 -14.87
CA HIS C 191 -18.56 4.64 -15.80
C HIS C 191 -18.02 3.79 -16.95
N PRO C 192 -18.93 3.20 -17.76
CA PRO C 192 -18.59 2.36 -18.90
C PRO C 192 -17.69 3.04 -19.94
N ASP C 193 -17.84 4.35 -20.05
CA ASP C 193 -17.06 5.14 -21.00
C ASP C 193 -15.60 5.34 -20.60
N LEU C 194 -15.28 5.15 -19.31
CA LEU C 194 -13.92 5.34 -18.84
C LEU C 194 -13.08 4.07 -18.82
N ILE C 195 -11.77 4.26 -18.95
CA ILE C 195 -10.81 3.17 -18.90
C ILE C 195 -10.02 3.34 -17.62
N LEU C 196 -10.09 2.34 -16.74
CA LEU C 196 -9.37 2.40 -15.48
C LEU C 196 -8.41 1.21 -15.39
N LEU C 197 -7.12 1.51 -15.27
CA LEU C 197 -6.09 0.50 -15.16
C LEU C 197 -5.59 0.43 -13.73
N GLN C 198 -5.45 -0.78 -13.21
CA GLN C 198 -4.97 -0.96 -11.84
C GLN C 198 -3.69 -1.77 -11.80
N TYR C 199 -2.69 -1.25 -11.10
CA TYR C 199 -1.44 -1.95 -10.92
C TYR C 199 -1.08 -1.73 -9.45
N VAL C 200 -1.67 -2.55 -8.58
CA VAL C 200 -1.46 -2.44 -7.14
C VAL C 200 -1.89 -1.03 -6.71
N ASP C 201 -0.95 -0.19 -6.32
CA ASP C 201 -1.32 1.16 -5.90
C ASP C 201 -1.20 2.22 -6.99
N ASP C 202 -0.80 1.83 -8.20
CA ASP C 202 -0.67 2.79 -9.30
C ASP C 202 -1.87 2.72 -10.24
N LEU C 203 -2.62 3.82 -10.30
CA LEU C 203 -3.82 3.87 -11.13
C LEU C 203 -3.76 4.86 -12.29
N LEU C 204 -4.36 4.47 -13.41
CA LEU C 204 -4.44 5.30 -14.60
C LEU C 204 -5.89 5.36 -15.07
N LEU C 205 -6.45 6.56 -15.11
CA LEU C 205 -7.81 6.74 -15.60
C LEU C 205 -7.69 7.32 -17.00
N ALA C 206 -8.40 6.75 -17.96
CA ALA C 206 -8.34 7.25 -19.34
C ALA C 206 -9.72 7.69 -19.81
N ALA C 207 -9.78 8.85 -20.46
CA ALA C 207 -11.04 9.39 -20.96
C ALA C 207 -10.94 9.85 -22.42
N THR C 208 -12.10 9.91 -23.08
CA THR C 208 -12.17 10.34 -24.48
C THR C 208 -11.89 11.83 -24.64
N SER C 209 -12.41 12.64 -23.73
CA SER C 209 -12.20 14.09 -23.81
C SER C 209 -11.67 14.65 -22.48
N GLU C 210 -11.47 15.95 -22.45
CA GLU C 210 -10.97 16.63 -21.26
C GLU C 210 -12.04 16.75 -20.17
N LEU C 211 -13.29 16.95 -20.60
CA LEU C 211 -14.38 17.09 -19.64
C LEU C 211 -14.64 15.81 -18.86
N ASP C 212 -15.03 14.75 -19.56
CA ASP C 212 -15.32 13.48 -18.90
C ASP C 212 -14.12 12.87 -18.20
N CYS C 213 -12.95 13.49 -18.36
CA CYS C 213 -11.76 13.02 -17.69
C CYS C 213 -11.75 13.75 -16.35
N GLN C 214 -12.28 14.97 -16.37
CA GLN C 214 -12.37 15.80 -15.16
C GLN C 214 -13.51 15.29 -14.30
N GLN C 215 -14.61 14.93 -14.95
CA GLN C 215 -15.79 14.43 -14.26
C GLN C 215 -15.52 13.02 -13.74
N GLY C 216 -14.77 12.24 -14.51
CA GLY C 216 -14.44 10.90 -14.10
C GLY C 216 -13.48 10.94 -12.93
N THR C 217 -12.47 11.80 -13.04
CA THR C 217 -11.47 11.94 -12.00
C THR C 217 -12.13 12.39 -10.69
N ARG C 218 -13.08 13.31 -10.78
CA ARG C 218 -13.78 13.77 -9.59
C ARG C 218 -14.47 12.57 -8.98
N ALA C 219 -15.11 11.78 -9.82
CA ALA C 219 -15.82 10.58 -9.38
C ALA C 219 -14.93 9.53 -8.73
N LEU C 220 -13.79 9.23 -9.34
CA LEU C 220 -12.87 8.24 -8.80
C LEU C 220 -12.30 8.74 -7.47
N LEU C 221 -12.01 10.03 -7.41
CA LEU C 221 -11.46 10.64 -6.20
C LEU C 221 -12.47 10.52 -5.08
N GLN C 222 -13.72 10.84 -5.40
CA GLN C 222 -14.80 10.78 -4.43
C GLN C 222 -14.96 9.35 -3.94
N THR C 223 -15.03 8.42 -4.89
CA THR C 223 -15.16 7.00 -4.57
C THR C 223 -13.98 6.50 -3.73
N LEU C 224 -12.75 6.73 -4.18
CA LEU C 224 -11.58 6.29 -3.43
C LEU C 224 -11.61 6.80 -2.00
N GLY C 225 -11.93 8.09 -1.83
CA GLY C 225 -11.98 8.67 -0.50
C GLY C 225 -13.04 8.05 0.38
N ASN C 226 -14.20 7.75 -0.20
CA ASN C 226 -15.29 7.15 0.55
C ASN C 226 -14.93 5.73 0.98
N LEU C 227 -14.24 4.99 0.11
CA LEU C 227 -13.85 3.62 0.41
C LEU C 227 -12.72 3.51 1.44
N GLY C 228 -12.07 4.64 1.74
CA GLY C 228 -11.01 4.63 2.73
C GLY C 228 -9.59 4.61 2.20
N TYR C 229 -9.41 4.82 0.91
CA TYR C 229 -8.09 4.85 0.31
C TYR C 229 -7.65 6.30 0.23
N ARG C 230 -6.37 6.53 0.02
CA ARG C 230 -5.85 7.89 -0.06
C ARG C 230 -4.84 8.06 -1.19
N ALA C 231 -5.08 9.05 -2.04
CA ALA C 231 -4.20 9.33 -3.16
C ALA C 231 -3.25 10.47 -2.79
N SER C 232 -2.04 10.42 -3.31
CA SER C 232 -1.04 11.46 -3.03
C SER C 232 -1.29 12.69 -3.89
N ALA C 233 -1.64 13.80 -3.23
CA ALA C 233 -1.90 15.04 -3.95
C ALA C 233 -0.63 15.51 -4.65
N LYS C 234 0.50 15.33 -3.96
CA LYS C 234 1.80 15.72 -4.48
C LYS C 234 2.13 15.16 -5.87
N LYS C 235 2.04 13.84 -6.03
CA LYS C 235 2.34 13.18 -7.30
C LYS C 235 1.23 13.18 -8.35
N ALA C 236 -0.01 13.37 -7.91
CA ALA C 236 -1.14 13.36 -8.83
C ALA C 236 -0.91 14.06 -10.17
N GLN C 237 -1.27 13.38 -11.25
CA GLN C 237 -1.18 13.92 -12.60
C GLN C 237 -2.62 13.93 -13.07
N ILE C 238 -3.27 15.09 -12.98
CA ILE C 238 -4.66 15.18 -13.36
C ILE C 238 -4.93 15.70 -14.77
N CYS C 239 -5.85 15.03 -15.45
CA CYS C 239 -6.26 15.39 -16.81
C CYS C 239 -5.14 15.96 -17.66
N GLN C 240 -4.29 15.08 -18.16
CA GLN C 240 -3.17 15.47 -19.01
C GLN C 240 -3.20 14.58 -20.24
N LYS C 241 -2.66 15.06 -21.36
CA LYS C 241 -2.61 14.24 -22.56
C LYS C 241 -1.22 13.61 -22.58
N GLN C 242 -0.46 13.90 -21.54
CA GLN C 242 0.89 13.37 -21.38
C GLN C 242 1.12 13.10 -19.90
N VAL C 243 1.40 11.84 -19.56
CA VAL C 243 1.63 11.47 -18.16
C VAL C 243 2.67 10.38 -17.99
N LYS C 244 3.19 10.26 -16.78
CA LYS C 244 4.17 9.23 -16.47
C LYS C 244 3.39 8.12 -15.77
N TYR C 245 3.47 6.90 -16.30
CA TYR C 245 2.77 5.78 -15.69
C TYR C 245 3.53 4.48 -15.85
N LEU C 246 3.85 3.85 -14.72
CA LEU C 246 4.57 2.59 -14.70
C LEU C 246 5.86 2.60 -15.53
N GLY C 247 6.59 3.71 -15.46
CA GLY C 247 7.84 3.79 -16.19
C GLY C 247 7.73 4.35 -17.60
N TYR C 248 6.54 4.36 -18.16
CA TYR C 248 6.35 4.89 -19.51
C TYR C 248 5.86 6.32 -19.50
N LEU C 249 5.98 6.97 -20.65
CA LEU C 249 5.50 8.32 -20.84
C LEU C 249 4.41 8.12 -21.88
N LEU C 250 3.16 8.30 -21.47
CA LEU C 250 2.04 8.11 -22.38
C LEU C 250 1.71 9.41 -23.12
N LYS C 251 1.71 9.32 -24.45
CA LYS C 251 1.41 10.47 -25.31
C LYS C 251 1.13 9.98 -26.72
N GLU C 252 0.12 10.55 -27.36
CA GLU C 252 -0.25 10.16 -28.72
C GLU C 252 -0.59 8.67 -28.77
N GLY C 253 -0.85 8.08 -27.61
CA GLY C 253 -1.18 6.67 -27.55
C GLY C 253 0.05 5.79 -27.72
N GLN C 254 1.24 6.41 -27.65
CA GLN C 254 2.49 5.67 -27.80
C GLN C 254 3.01 5.14 -26.46
N ARG C 255 3.60 3.95 -26.51
CA ARG C 255 4.14 3.28 -25.34
C ARG C 255 3.05 2.92 -24.34
#